data_9QT1
#
_entry.id   9QT1
#
_cell.length_a   67.934
_cell.length_b   67.934
_cell.length_c   97.902
_cell.angle_alpha   90.00
_cell.angle_beta   90.00
_cell.angle_gamma   90.00
#
_symmetry.space_group_name_H-M   'P 41 21 2'
#
loop_
_entity.id
_entity.type
_entity.pdbx_description
1 polymer 'DUF1931 domain-containing protein'
2 polymer DNA
3 polymer DNA
4 non-polymer 'PHOSPHATE ION'
5 water water
#
loop_
_entity_poly.entity_id
_entity_poly.type
_entity_poly.pdbx_seq_one_letter_code
_entity_poly.pdbx_strand_id
1 'polypeptide(L)' GSMAQNAEKDTLIVASKVKAYIKSKGFMTSGDAVDGLNEKLYALIDDALKRTESNKRTTVRPTDF A,B
2 'polydeoxyribonucleotide'
;(DT)(DT)(DT)(DA)(DA)(DA)(DG)(DC)(DC)(DG)(DT)(DT)(DT)(DA)(DA)(DA)(DG)(DC)(DC)(DG)
(DT)(DT)(DT)(DA)(DA)(DA)(DG)(DC)(DC)(DG)
;
C
3 'polydeoxyribonucleotide'
;(DC)(DG)(DG)(DC)(DT)(DT)(DT)(DA)(DA)(DA)(DC)(DG)(DG)(DC)(DT)(DT)(DT)(DA)(DA)(DA)
(DC)(DG)(DG)(DC)(DT)(DT)(DT)(DA)(DA)(DA)
;
D
#
loop_
_chem_comp.id
_chem_comp.type
_chem_comp.name
_chem_comp.formula
DA DNA linking 2'-DEOXYADENOSINE-5'-MONOPHOSPHATE 'C10 H14 N5 O6 P'
DC DNA linking 2'-DEOXYCYTIDINE-5'-MONOPHOSPHATE 'C9 H14 N3 O7 P'
DG DNA linking 2'-DEOXYGUANOSINE-5'-MONOPHOSPHATE 'C10 H14 N5 O7 P'
DT DNA linking THYMIDINE-5'-MONOPHOSPHATE 'C10 H15 N2 O8 P'
PO4 non-polymer 'PHOSPHATE ION' 'O4 P -3'
#
# COMPACT_ATOMS: atom_id res chain seq x y z
N LYS A 9 -7.70 6.42 11.56
CA LYS A 9 -7.61 6.21 10.07
C LYS A 9 -7.99 4.75 9.73
N ASP A 10 -8.89 4.55 8.75
CA ASP A 10 -9.41 3.22 8.31
C ASP A 10 -8.28 2.36 7.71
N THR A 11 -8.39 1.04 7.80
CA THR A 11 -7.48 0.09 7.10
C THR A 11 -7.77 0.15 5.60
N LEU A 12 -6.72 0.34 4.79
CA LEU A 12 -6.80 0.47 3.32
C LEU A 12 -6.40 -0.86 2.67
N ILE A 13 -6.04 -1.84 3.49
CA ILE A 13 -5.41 -3.14 3.09
C ILE A 13 -6.43 -4.27 3.26
N VAL A 14 -6.43 -5.25 2.36
CA VAL A 14 -7.11 -6.57 2.55
C VAL A 14 -6.12 -7.50 3.26
N ALA A 15 -6.28 -7.61 4.58
CA ALA A 15 -5.36 -8.32 5.50
C ALA A 15 -5.17 -9.77 5.03
N SER A 16 -6.26 -10.47 4.77
CA SER A 16 -6.24 -11.92 4.44
C SER A 16 -5.35 -12.12 3.21
N LYS A 17 -5.53 -11.28 2.19
CA LYS A 17 -4.84 -11.40 0.88
C LYS A 17 -3.36 -11.07 1.06
N VAL A 18 -3.02 -10.04 1.85
CA VAL A 18 -1.61 -9.68 2.15
C VAL A 18 -0.93 -10.87 2.87
N LYS A 19 -1.52 -11.37 3.96
CA LYS A 19 -1.00 -12.55 4.71
C LYS A 19 -0.82 -13.75 3.77
N ALA A 20 -1.80 -14.02 2.91
CA ALA A 20 -1.75 -15.16 1.94
C ALA A 20 -0.62 -14.93 0.93
N TYR A 21 -0.46 -13.71 0.41
CA TYR A 21 0.62 -13.39 -0.56
C TYR A 21 1.98 -13.60 0.12
N ILE A 22 2.15 -13.09 1.34
CA ILE A 22 3.45 -13.18 2.07
C ILE A 22 3.76 -14.65 2.33
N LYS A 23 2.74 -15.43 2.69
CA LYS A 23 2.83 -16.88 2.96
C LYS A 23 3.25 -17.58 1.68
N SER A 24 2.70 -17.14 0.54
CA SER A 24 3.04 -17.67 -0.79
C SER A 24 4.54 -17.44 -1.05
N LYS A 25 5.14 -16.41 -0.47
CA LYS A 25 6.59 -16.11 -0.69
C LYS A 25 7.41 -16.80 0.41
N GLY A 26 6.73 -17.52 1.30
CA GLY A 26 7.36 -18.41 2.29
C GLY A 26 7.61 -17.72 3.60
N PHE A 27 6.73 -16.81 4.03
CA PHE A 27 6.95 -16.00 5.26
C PHE A 27 5.68 -15.94 6.09
N MET A 28 5.87 -15.77 7.39
CA MET A 28 4.77 -15.52 8.36
C MET A 28 4.59 -14.01 8.47
N THR A 29 3.43 -13.61 8.98
CA THR A 29 3.07 -12.20 9.17
C THR A 29 2.94 -11.91 10.67
N SER A 30 3.70 -10.95 11.20
CA SER A 30 3.62 -10.54 12.63
C SER A 30 2.24 -9.96 12.90
N GLY A 31 1.83 -10.01 14.17
CA GLY A 31 0.53 -9.50 14.64
C GLY A 31 0.34 -8.04 14.29
N ASP A 32 1.40 -7.27 14.11
CA ASP A 32 1.32 -5.80 13.92
C ASP A 32 1.89 -5.41 12.55
N ALA A 33 2.16 -6.39 11.69
CA ALA A 33 2.78 -6.17 10.36
C ALA A 33 1.82 -5.35 9.49
N VAL A 34 0.58 -5.82 9.37
CA VAL A 34 -0.45 -5.17 8.51
C VAL A 34 -0.60 -3.70 8.92
N ASP A 35 -0.67 -3.40 10.22
CA ASP A 35 -0.79 -2.00 10.69
C ASP A 35 0.37 -1.18 10.11
N GLY A 36 1.59 -1.74 10.15
CA GLY A 36 2.81 -1.10 9.65
C GLY A 36 2.73 -0.80 8.16
N LEU A 37 2.34 -1.79 7.35
CA LEU A 37 2.04 -1.64 5.90
C LEU A 37 0.98 -0.54 5.68
N ASN A 38 -0.08 -0.53 6.46
CA ASN A 38 -1.13 0.51 6.34
C ASN A 38 -0.53 1.90 6.43
N GLU A 39 0.38 2.09 7.38
CA GLU A 39 1.03 3.39 7.64
C GLU A 39 1.83 3.82 6.40
N LYS A 40 2.50 2.86 5.78
CA LYS A 40 3.32 3.15 4.58
C LYS A 40 2.37 3.45 3.43
N LEU A 41 1.24 2.77 3.38
CA LEU A 41 0.25 3.02 2.30
C LEU A 41 -0.20 4.47 2.38
N TYR A 42 -0.56 4.94 3.57
CA TYR A 42 -1.02 6.33 3.78
C TYR A 42 0.05 7.32 3.31
N ALA A 43 1.33 7.07 3.61
CA ALA A 43 2.44 7.99 3.28
C ALA A 43 2.58 8.06 1.76
N LEU A 44 2.47 6.91 1.09
CA LEU A 44 2.52 6.83 -0.39
C LEU A 44 1.38 7.67 -0.96
N ILE A 45 0.17 7.54 -0.40
CA ILE A 45 -1.00 8.28 -0.94
C ILE A 45 -0.76 9.78 -0.70
N ASP A 46 -0.31 10.15 0.48
CA ASP A 46 -0.08 11.58 0.82
C ASP A 46 1.00 12.14 -0.11
N ASP A 47 2.07 11.39 -0.35
CA ASP A 47 3.12 11.81 -1.32
C ASP A 47 2.46 12.07 -2.67
N ALA A 48 1.61 11.15 -3.11
CA ALA A 48 0.92 11.21 -4.43
C ALA A 48 0.09 12.49 -4.53
N LEU A 49 -0.65 12.84 -3.49
CA LEU A 49 -1.56 14.01 -3.53
C LEU A 49 -0.73 15.29 -3.65
N LYS A 50 0.46 15.32 -3.06
CA LYS A 50 1.38 16.48 -3.21
C LYS A 50 1.81 16.54 -4.67
N ARG A 51 2.09 15.39 -5.29
CA ARG A 51 2.48 15.33 -6.71
C ARG A 51 1.30 15.80 -7.58
N THR A 52 0.09 15.28 -7.35
CA THR A 52 -1.11 15.70 -8.12
C THR A 52 -1.21 17.23 -8.09
N GLU A 53 -1.15 17.81 -6.90
CA GLU A 53 -1.32 19.25 -6.68
C GLU A 53 -0.21 20.00 -7.41
N SER A 54 1.03 19.57 -7.29
CA SER A 54 2.21 20.19 -7.96
C SER A 54 1.96 20.22 -9.48
N ASN A 55 1.21 19.27 -10.02
CA ASN A 55 0.91 19.26 -11.48
C ASN A 55 -0.41 20.01 -11.76
N LYS A 56 -0.88 20.85 -10.84
CA LYS A 56 -2.09 21.71 -11.05
C LYS A 56 -3.28 20.82 -11.44
N ARG A 57 -3.36 19.60 -10.91
CA ARG A 57 -4.45 18.63 -11.21
C ARG A 57 -5.29 18.38 -9.96
N THR A 58 -6.54 17.96 -10.18
CA THR A 58 -7.58 17.66 -9.17
C THR A 58 -7.78 16.14 -9.05
N THR A 59 -7.19 15.37 -9.97
CA THR A 59 -7.42 13.91 -10.14
C THR A 59 -6.09 13.16 -10.02
N VAL A 60 -6.03 12.21 -9.09
CA VAL A 60 -4.83 11.37 -8.82
C VAL A 60 -4.73 10.35 -9.93
N ARG A 61 -3.54 10.26 -10.52
CA ARG A 61 -3.22 9.27 -11.58
C ARG A 61 -2.27 8.23 -11.00
N PRO A 62 -2.22 7.04 -11.63
CA PRO A 62 -1.31 5.99 -11.20
C PRO A 62 0.14 6.50 -11.11
N THR A 63 0.52 7.40 -12.02
CA THR A 63 1.89 7.96 -12.11
C THR A 63 2.19 8.82 -10.89
N ASP A 64 1.19 9.36 -10.22
CA ASP A 64 1.42 10.22 -9.04
C ASP A 64 1.96 9.39 -7.86
N PHE A 65 1.64 8.10 -7.73
CA PHE A 65 2.07 7.25 -6.57
C PHE A 65 3.58 6.95 -6.66
N LYS B 9 -2.50 -10.83 -10.58
CA LYS B 9 -2.23 -10.52 -9.13
C LYS B 9 -3.48 -9.85 -8.51
N ASP B 10 -3.99 -10.37 -7.39
CA ASP B 10 -5.20 -9.88 -6.67
C ASP B 10 -4.99 -8.47 -6.13
N THR B 11 -6.06 -7.68 -6.01
CA THR B 11 -6.06 -6.34 -5.38
C THR B 11 -5.87 -6.54 -3.86
N LEU B 12 -4.89 -5.87 -3.27
CA LEU B 12 -4.53 -6.00 -1.84
C LEU B 12 -5.08 -4.77 -1.10
N ILE B 13 -5.69 -3.84 -1.83
CA ILE B 13 -6.21 -2.56 -1.28
C ILE B 13 -7.74 -2.56 -1.33
N VAL B 14 -8.35 -1.84 -0.39
CA VAL B 14 -9.80 -1.53 -0.35
C VAL B 14 -10.03 -0.25 -1.16
N ALA B 15 -10.46 -0.42 -2.41
CA ALA B 15 -10.66 0.66 -3.41
C ALA B 15 -11.58 1.74 -2.83
N SER B 16 -12.74 1.36 -2.30
CA SER B 16 -13.76 2.33 -1.81
C SER B 16 -13.11 3.25 -0.76
N LYS B 17 -12.36 2.66 0.17
CA LYS B 17 -11.74 3.41 1.31
C LYS B 17 -10.62 4.31 0.79
N VAL B 18 -9.83 3.84 -0.18
CA VAL B 18 -8.77 4.67 -0.82
C VAL B 18 -9.43 5.90 -1.49
N LYS B 19 -10.43 5.68 -2.36
CA LYS B 19 -11.19 6.76 -3.04
C LYS B 19 -11.77 7.72 -1.99
N ALA B 20 -12.37 7.20 -0.91
CA ALA B 20 -12.99 8.04 0.16
C ALA B 20 -11.92 8.87 0.86
N TYR B 21 -10.76 8.29 1.20
CA TYR B 21 -9.65 9.03 1.86
C TYR B 21 -9.16 10.14 0.91
N ILE B 22 -8.95 9.82 -0.36
CA ILE B 22 -8.40 10.80 -1.34
C ILE B 22 -9.39 11.95 -1.49
N LYS B 23 -10.69 11.62 -1.53
CA LYS B 23 -11.81 12.58 -1.66
C LYS B 23 -11.80 13.48 -0.44
N SER B 24 -11.55 12.88 0.72
CA SER B 24 -11.45 13.62 2.02
C SER B 24 -10.32 14.66 1.91
N LYS B 25 -9.29 14.43 1.10
CA LYS B 25 -8.15 15.38 0.95
C LYS B 25 -8.45 16.35 -0.19
N GLY B 26 -9.63 16.21 -0.81
CA GLY B 26 -10.14 17.14 -1.83
C GLY B 26 -9.68 16.76 -3.23
N PHE B 27 -9.62 15.46 -3.54
CA PHE B 27 -9.12 15.00 -4.86
C PHE B 27 -10.03 13.91 -5.40
N MET B 28 -10.08 13.80 -6.71
CA MET B 28 -10.74 12.68 -7.42
C MET B 28 -9.69 11.60 -7.68
N THR B 29 -10.13 10.39 -8.02
CA THR B 29 -9.27 9.23 -8.28
C THR B 29 -9.45 8.81 -9.74
N SER B 30 -8.38 8.72 -10.54
CA SER B 30 -8.45 8.27 -11.95
C SER B 30 -8.95 6.83 -11.99
N GLY B 31 -9.53 6.46 -13.14
CA GLY B 31 -10.06 5.11 -13.41
C GLY B 31 -9.02 4.04 -13.16
N ASP B 32 -7.73 4.34 -13.29
CA ASP B 32 -6.65 3.31 -13.26
C ASP B 32 -5.70 3.62 -12.09
N ALA B 33 -6.06 4.55 -11.19
CA ALA B 33 -5.19 4.99 -10.08
C ALA B 33 -5.01 3.85 -9.10
N VAL B 34 -6.11 3.26 -8.64
CA VAL B 34 -6.11 2.13 -7.66
C VAL B 34 -5.20 1.01 -8.16
N ASP B 35 -5.28 0.64 -9.45
CA ASP B 35 -4.40 -0.41 -10.02
C ASP B 35 -2.95 -0.01 -9.79
N GLY B 36 -2.62 1.27 -10.02
CA GLY B 36 -1.26 1.80 -9.89
C GLY B 36 -0.77 1.68 -8.45
N LEU B 37 -1.56 2.13 -7.48
CA LEU B 37 -1.31 1.96 -6.02
C LEU B 37 -1.11 0.48 -5.68
N ASN B 38 -1.93 -0.41 -6.20
CA ASN B 38 -1.80 -1.87 -5.94
C ASN B 38 -0.38 -2.32 -6.30
N GLU B 39 0.12 -1.86 -7.44
CA GLU B 39 1.46 -2.22 -7.95
C GLU B 39 2.54 -1.75 -6.95
N LYS B 40 2.36 -0.55 -6.40
CA LYS B 40 3.34 0.01 -5.45
C LYS B 40 3.24 -0.78 -4.15
N LEU B 41 2.02 -1.19 -3.80
CA LEU B 41 1.86 -2.01 -2.57
C LEU B 41 2.68 -3.29 -2.69
N TYR B 42 2.56 -4.00 -3.82
CA TYR B 42 3.31 -5.25 -4.08
C TYR B 42 4.82 -5.01 -3.94
N ALA B 43 5.34 -3.89 -4.47
CA ALA B 43 6.79 -3.61 -4.50
C ALA B 43 7.27 -3.40 -3.06
N LEU B 44 6.48 -2.70 -2.27
CA LEU B 44 6.76 -2.46 -0.83
C LEU B 44 6.84 -3.82 -0.13
N ILE B 45 5.87 -4.69 -0.37
CA ILE B 45 5.84 -6.03 0.29
C ILE B 45 7.08 -6.82 -0.13
N ASP B 46 7.38 -6.82 -1.43
CA ASP B 46 8.54 -7.60 -1.95
C ASP B 46 9.82 -7.05 -1.33
N ASP B 47 9.97 -5.71 -1.27
CA ASP B 47 11.15 -5.10 -0.61
C ASP B 47 11.23 -5.61 0.84
N ALA B 48 10.11 -5.62 1.54
CA ALA B 48 10.03 -6.02 2.97
C ALA B 48 10.52 -7.47 3.15
N LEU B 49 10.09 -8.37 2.26
CA LEU B 49 10.45 -9.81 2.36
C LEU B 49 11.97 -9.96 2.17
N LYS B 50 12.59 -9.13 1.34
CA LYS B 50 14.06 -9.15 1.16
C LYS B 50 14.68 -8.71 2.46
N ARG B 51 14.12 -7.70 3.12
CA ARG B 51 14.67 -7.23 4.43
C ARG B 51 14.47 -8.33 5.48
N THR B 52 13.28 -8.95 5.58
CA THR B 52 13.03 -10.05 6.55
C THR B 52 14.13 -11.11 6.39
N GLU B 53 14.34 -11.55 5.16
CA GLU B 53 15.28 -12.65 4.83
C GLU B 53 16.70 -12.21 5.21
N SER B 54 17.09 -10.99 4.86
CA SER B 54 18.43 -10.45 5.18
C SER B 54 18.67 -10.49 6.70
N ASN B 55 17.63 -10.37 7.49
CA ASN B 55 17.75 -10.44 8.97
C ASN B 55 17.55 -11.88 9.48
N LYS B 56 17.64 -12.88 8.59
CA LYS B 56 17.59 -14.31 8.96
C LYS B 56 16.28 -14.60 9.70
N ARG B 57 15.19 -13.90 9.35
CA ARG B 57 13.86 -14.09 9.97
C ARG B 57 12.90 -14.71 8.97
N THR B 58 11.87 -15.38 9.50
CA THR B 58 10.78 -16.09 8.79
C THR B 58 9.49 -15.27 8.88
N THR B 59 9.45 -14.23 9.72
CA THR B 59 8.24 -13.46 10.09
C THR B 59 8.45 -11.98 9.74
N VAL B 60 7.56 -11.44 8.92
CA VAL B 60 7.61 -10.04 8.44
C VAL B 60 7.12 -9.18 9.59
N ARG B 61 7.90 -8.15 9.94
CA ARG B 61 7.54 -7.16 10.96
C ARG B 61 7.24 -5.82 10.28
N PRO B 62 6.50 -4.94 11.00
CA PRO B 62 6.20 -3.61 10.52
C PRO B 62 7.47 -2.86 10.07
N THR B 63 8.57 -3.08 10.78
CA THR B 63 9.87 -2.39 10.53
C THR B 63 10.43 -2.81 9.17
N ASP B 64 10.08 -3.99 8.69
CA ASP B 64 10.62 -4.49 7.38
C ASP B 64 10.09 -3.66 6.20
N PHE B 65 8.87 -3.09 6.27
CA PHE B 65 8.24 -2.36 5.13
C PHE B 65 8.94 -1.00 4.94
P PO4 E . -7.24 16.98 -13.44
O1 PO4 E . -7.26 18.38 -12.82
O2 PO4 E . -6.36 16.06 -12.60
O3 PO4 E . -8.66 16.43 -13.46
O4 PO4 E . -6.69 17.04 -14.86
P PO4 F . 11.16 -14.53 13.15
O1 PO4 F . 10.85 -13.27 12.36
O2 PO4 F . 9.89 -15.37 13.30
O3 PO4 F . 12.22 -15.35 12.41
O4 PO4 F . 11.69 -14.14 14.54
#